data_3PTW
#
_entry.id   3PTW
#
_cell.length_a   39.703
_cell.length_b   87.075
_cell.length_c   87.353
_cell.angle_alpha   90.000
_cell.angle_beta   90.000
_cell.angle_gamma   90.000
#
_symmetry.space_group_name_H-M   'P 21 21 21'
#
loop_
_entity.id
_entity.type
_entity.pdbx_description
1 polymer 'Malonyl CoA-acyl carrier protein transacylase'
2 water water
#
_entity_poly.entity_id   1
_entity_poly.type   'polypeptide(L)'
_entity_poly.pdbx_seq_one_letter_code
;VAKLGFLFAGQGAQYVGMGKEFFDNFEESKEVFKRSSEALGIDMEELCFNDPEGLLNKTEFTQPAIITTNMAILTALDKL
GVKSHISCGLSLGEYSALIHSGAINFEDGVKLVKKRGKFMQEAVAEGIGGMVAVLRMTPEQVDEIIEKSSPYGIVEGANY
NSPGQIVISGELVALEKAMEFIKEVGGRAIKLPVSAPFHCSMLQPAAEKLEDELNKISINKLNGIVMSNVKGEAYLEDDN
IIELLTSQVKKPVLFINDIEKMIESGVDTFIEIGPGKALSGFVKKINKNVTVLNVEDLKSLEKTLSKLREMEVLAENLYF
QSHHHHHHWSHPQFEK
;
_entity_poly.pdbx_strand_id   A
#
# COMPACT_ATOMS: atom_id res chain seq x y z
N ALA A 2 -18.72 -10.46 3.12
CA ALA A 2 -19.32 -10.98 1.86
C ALA A 2 -18.65 -10.36 0.62
N LYS A 3 -19.07 -10.82 -0.56
CA LYS A 3 -18.65 -10.31 -1.90
C LYS A 3 -17.31 -9.53 -2.02
N LEU A 4 -17.37 -8.22 -2.23
CA LEU A 4 -16.22 -7.44 -2.73
C LEU A 4 -15.31 -6.82 -1.68
N GLY A 5 -14.00 -7.01 -1.86
CA GLY A 5 -12.97 -6.33 -1.07
C GLY A 5 -12.09 -5.42 -1.93
N PHE A 6 -11.83 -4.20 -1.48
CA PHE A 6 -11.00 -3.24 -2.24
C PHE A 6 -9.54 -3.31 -1.79
N LEU A 7 -8.62 -3.28 -2.76
CA LEU A 7 -7.20 -3.23 -2.46
C LEU A 7 -6.65 -1.98 -3.13
N PHE A 8 -5.94 -1.16 -2.38
CA PHE A 8 -5.44 0.09 -2.96
C PHE A 8 -3.95 0.02 -3.19
N ALA A 9 -3.56 0.38 -4.42
CA ALA A 9 -2.16 0.37 -4.86
C ALA A 9 -1.26 1.25 -4.01
N GLY A 10 0.03 0.92 -4.00
CA GLY A 10 0.99 1.63 -3.17
C GLY A 10 2.29 1.98 -3.87
N GLN A 11 3.30 2.30 -3.06
CA GLN A 11 4.57 2.77 -3.60
C GLN A 11 5.19 1.66 -4.45
N GLY A 12 5.74 2.03 -5.60
CA GLY A 12 6.40 1.08 -6.50
C GLY A 12 5.60 0.79 -7.76
N ALA A 13 4.29 1.00 -7.70
CA ALA A 13 3.42 0.82 -8.86
C ALA A 13 3.16 2.11 -9.68
N GLN A 14 3.71 3.23 -9.25
CA GLN A 14 3.50 4.49 -9.97
C GLN A 14 4.16 4.48 -11.36
N TYR A 15 3.58 5.25 -12.28
CA TYR A 15 4.16 5.45 -13.61
C TYR A 15 3.59 6.72 -14.21
N VAL A 16 4.38 7.33 -15.10
CA VAL A 16 3.96 8.53 -15.81
C VAL A 16 2.74 8.22 -16.65
N GLY A 17 1.70 9.04 -16.50
CA GLY A 17 0.44 8.86 -17.22
C GLY A 17 -0.63 8.13 -16.42
N MET A 18 -0.29 7.61 -15.23
CA MET A 18 -1.32 6.99 -14.38
C MET A 18 -2.39 8.04 -14.08
N GLY A 19 -3.64 7.60 -13.97
CA GLY A 19 -4.76 8.50 -13.70
C GLY A 19 -5.34 9.24 -14.90
N LYS A 20 -4.55 9.38 -15.96
CA LYS A 20 -4.94 10.21 -17.08
C LYS A 20 -6.21 9.74 -17.78
N GLU A 21 -6.35 8.44 -18.01
CA GLU A 21 -7.54 7.93 -18.73
C GLU A 21 -8.82 8.16 -17.95
N PHE A 22 -8.75 7.99 -16.62
CA PHE A 22 -9.88 8.34 -15.76
C PHE A 22 -10.12 9.84 -15.72
N PHE A 23 -9.02 10.60 -15.68
CA PHE A 23 -9.09 12.06 -15.65
C PHE A 23 -9.88 12.56 -16.85
N ASP A 24 -9.56 12.04 -18.03
CA ASP A 24 -10.17 12.47 -19.29
C ASP A 24 -11.57 11.93 -19.52
N ASN A 25 -11.94 10.86 -18.83
CA ASN A 25 -13.19 10.17 -19.17
C ASN A 25 -14.26 10.20 -18.09
N PHE A 26 -13.88 10.60 -16.88
CA PHE A 26 -14.84 10.72 -15.79
C PHE A 26 -14.71 12.06 -15.08
N GLU A 27 -15.80 12.81 -15.02
CA GLU A 27 -15.79 14.17 -14.46
C GLU A 27 -15.39 14.15 -13.00
N GLU A 28 -15.90 13.16 -12.27
CA GLU A 28 -15.59 12.97 -10.86
C GLU A 28 -14.12 12.62 -10.60
N SER A 29 -13.45 12.07 -11.60
CA SER A 29 -12.02 11.75 -11.48
C SER A 29 -11.20 13.03 -11.76
N LYS A 30 -11.63 13.78 -12.77
CA LYS A 30 -11.14 15.13 -13.02
C LYS A 30 -11.21 15.98 -11.75
N GLU A 31 -12.36 15.94 -11.07
CA GLU A 31 -12.59 16.76 -9.88
C GLU A 31 -11.65 16.38 -8.74
N VAL A 32 -11.35 15.09 -8.61
CA VAL A 32 -10.43 14.64 -7.56
C VAL A 32 -9.03 15.22 -7.74
N PHE A 33 -8.57 15.30 -8.99
CA PHE A 33 -7.26 15.88 -9.29
C PHE A 33 -7.21 17.36 -9.00
N LYS A 34 -8.31 18.04 -9.34
CA LYS A 34 -8.48 19.46 -9.04
C LYS A 34 -8.34 19.73 -7.54
N ARG A 35 -8.99 18.91 -6.74
CA ARG A 35 -8.99 19.05 -5.28
C ARG A 35 -7.60 18.76 -4.68
N SER A 36 -6.89 17.82 -5.28
CA SER A 36 -5.58 17.42 -4.78
C SER A 36 -4.60 18.55 -5.04
N SER A 37 -4.68 19.11 -6.24
CA SER A 37 -3.89 20.28 -6.59
C SER A 37 -4.17 21.45 -5.65
N GLU A 38 -5.44 21.76 -5.43
CA GLU A 38 -5.82 22.83 -4.51
C GLU A 38 -5.26 22.58 -3.11
N ALA A 39 -5.39 21.35 -2.62
CA ALA A 39 -4.94 21.04 -1.27
C ALA A 39 -3.41 21.14 -1.12
N LEU A 40 -2.68 20.69 -2.14
CA LEU A 40 -1.22 20.58 -2.10
C LEU A 40 -0.51 21.84 -2.59
N GLY A 41 -1.20 22.63 -3.39
CA GLY A 41 -0.60 23.82 -4.00
C GLY A 41 0.40 23.45 -5.06
N ILE A 42 0.22 22.28 -5.66
CA ILE A 42 1.08 21.84 -6.77
C ILE A 42 0.21 21.27 -7.90
N ASP A 43 0.74 21.29 -9.11
CA ASP A 43 0.03 20.77 -10.26
C ASP A 43 0.10 19.24 -10.31
N MET A 44 -0.90 18.61 -9.69
CA MET A 44 -0.95 17.15 -9.57
C MET A 44 -1.23 16.44 -10.89
N GLU A 45 -1.96 17.11 -11.77
CA GLU A 45 -2.18 16.62 -13.12
C GLU A 45 -0.85 16.45 -13.84
N GLU A 46 -0.07 17.53 -13.89
CA GLU A 46 1.25 17.50 -14.50
C GLU A 46 2.17 16.47 -13.84
N LEU A 47 2.15 16.39 -12.51
CA LEU A 47 3.00 15.44 -11.80
C LEU A 47 2.73 14.01 -12.24
N CYS A 48 1.44 13.66 -12.31
CA CYS A 48 1.03 12.30 -12.62
C CYS A 48 1.07 11.96 -14.10
N PHE A 49 0.70 12.93 -14.93
CA PHE A 49 0.50 12.67 -16.35
C PHE A 49 1.79 12.87 -17.13
N ASN A 50 2.61 13.83 -16.69
CA ASN A 50 3.85 14.15 -17.39
C ASN A 50 5.13 13.94 -16.61
N ASP A 51 5.10 14.29 -15.32
CA ASP A 51 6.29 14.28 -14.44
C ASP A 51 7.54 14.99 -15.01
N PRO A 52 7.40 16.27 -15.43
CA PRO A 52 8.49 17.00 -16.10
C PRO A 52 9.67 17.41 -15.22
N GLU A 53 9.54 17.26 -13.91
CA GLU A 53 10.62 17.58 -12.98
C GLU A 53 11.28 16.31 -12.44
N GLY A 54 10.71 15.17 -12.80
CA GLY A 54 11.24 13.87 -12.37
C GLY A 54 10.96 13.54 -10.91
N LEU A 55 9.79 13.92 -10.41
CA LEU A 55 9.43 13.67 -9.00
C LEU A 55 8.74 12.36 -8.71
N LEU A 56 8.14 11.74 -9.71
CA LEU A 56 7.25 10.59 -9.45
C LEU A 56 7.88 9.43 -8.67
N ASN A 57 9.20 9.27 -8.79
CA ASN A 57 9.89 8.23 -8.02
C ASN A 57 10.58 8.74 -6.75
N LYS A 58 10.32 10.00 -6.41
CA LYS A 58 10.74 10.56 -5.12
C LYS A 58 9.60 10.37 -4.12
N THR A 59 9.84 9.61 -3.05
CA THR A 59 8.78 9.13 -2.15
C THR A 59 7.86 10.23 -1.60
N GLU A 60 8.45 11.35 -1.15
CA GLU A 60 7.64 12.53 -0.79
C GLU A 60 6.54 12.86 -1.82
N PHE A 61 6.87 12.72 -3.11
CA PHE A 61 5.94 13.02 -4.18
C PHE A 61 5.14 11.81 -4.69
N THR A 62 5.78 10.64 -4.70
CA THR A 62 5.12 9.37 -5.05
C THR A 62 3.85 9.14 -4.24
N GLN A 63 3.91 9.42 -2.94
CA GLN A 63 2.83 9.06 -2.03
C GLN A 63 1.53 9.86 -2.33
N PRO A 64 1.57 11.21 -2.36
CA PRO A 64 0.34 11.92 -2.74
C PRO A 64 -0.05 11.75 -4.20
N ALA A 65 0.92 11.39 -5.04
CA ALA A 65 0.60 11.08 -6.44
C ALA A 65 -0.29 9.84 -6.53
N ILE A 66 0.12 8.76 -5.88
CA ILE A 66 -0.65 7.51 -5.86
C ILE A 66 -1.99 7.65 -5.16
N ILE A 67 -1.98 8.33 -4.01
CA ILE A 67 -3.19 8.54 -3.23
C ILE A 67 -4.28 9.24 -4.04
N THR A 68 -3.88 10.25 -4.81
CA THR A 68 -4.77 10.99 -5.71
C THR A 68 -5.31 10.10 -6.81
N THR A 69 -4.41 9.34 -7.41
CA THR A 69 -4.74 8.42 -8.49
C THR A 69 -5.74 7.35 -8.02
N ASN A 70 -5.44 6.73 -6.88
CA ASN A 70 -6.34 5.76 -6.22
C ASN A 70 -7.75 6.33 -5.98
N MET A 71 -7.82 7.60 -5.57
CA MET A 71 -9.09 8.24 -5.25
C MET A 71 -9.89 8.56 -6.52
N ALA A 72 -9.22 9.11 -7.52
CA ALA A 72 -9.82 9.42 -8.82
C ALA A 72 -10.48 8.19 -9.44
N ILE A 73 -9.83 7.03 -9.33
CA ILE A 73 -10.38 5.76 -9.82
C ILE A 73 -11.54 5.25 -8.96
N LEU A 74 -11.33 5.26 -7.64
CA LEU A 74 -12.36 4.87 -6.69
C LEU A 74 -13.68 5.65 -6.88
N THR A 75 -13.57 6.97 -7.07
CA THR A 75 -14.75 7.84 -7.19
C THR A 75 -15.60 7.44 -8.39
N ALA A 76 -14.94 7.15 -9.51
CA ALA A 76 -15.62 6.72 -10.74
C ALA A 76 -16.22 5.34 -10.57
N LEU A 77 -15.47 4.44 -9.93
CA LEU A 77 -16.02 3.13 -9.55
C LEU A 77 -17.30 3.31 -8.72
N ASP A 78 -17.27 4.26 -7.80
CA ASP A 78 -18.41 4.52 -6.90
C ASP A 78 -19.64 4.95 -7.68
N LYS A 79 -19.49 5.91 -8.60
CA LYS A 79 -20.61 6.36 -9.44
C LYS A 79 -21.18 5.23 -10.31
N LEU A 80 -20.33 4.27 -10.65
CA LEU A 80 -20.77 3.12 -11.44
C LEU A 80 -21.40 1.99 -10.59
N GLY A 81 -21.58 2.25 -9.29
CA GLY A 81 -22.23 1.28 -8.39
C GLY A 81 -21.33 0.18 -7.86
N VAL A 82 -20.04 0.25 -8.12
CA VAL A 82 -19.11 -0.73 -7.57
C VAL A 82 -18.60 -0.27 -6.22
N LYS A 83 -18.99 -1.03 -5.19
CA LYS A 83 -18.80 -0.64 -3.81
C LYS A 83 -18.42 -1.83 -2.95
N SER A 84 -17.89 -1.53 -1.76
CA SER A 84 -17.36 -2.50 -0.83
C SER A 84 -17.17 -1.81 0.53
N HIS A 85 -17.32 -2.59 1.59
CA HIS A 85 -17.03 -2.08 2.92
C HIS A 85 -15.94 -2.90 3.64
N ILE A 86 -15.11 -3.59 2.84
CA ILE A 86 -13.92 -4.26 3.36
C ILE A 86 -12.72 -3.96 2.46
N SER A 87 -11.73 -3.27 2.99
CA SER A 87 -10.58 -2.85 2.18
C SER A 87 -9.26 -2.87 2.93
N CYS A 88 -8.17 -2.80 2.16
CA CYS A 88 -6.85 -2.61 2.75
C CYS A 88 -5.90 -2.22 1.66
N GLY A 89 -4.66 -1.94 2.07
CA GLY A 89 -3.56 -1.61 1.18
C GLY A 89 -2.27 -2.27 1.65
N LEU A 90 -1.16 -1.89 1.03
CA LEU A 90 0.14 -2.45 1.38
C LEU A 90 1.05 -1.26 1.61
N SER A 91 1.22 -0.93 2.89
CA SER A 91 1.85 0.32 3.33
C SER A 91 1.01 1.55 2.94
N LEU A 92 1.33 2.20 1.82
CA LEU A 92 0.68 3.46 1.46
C LEU A 92 -0.82 3.36 1.22
N GLY A 93 -1.25 2.30 0.53
CA GLY A 93 -2.68 2.10 0.21
C GLY A 93 -3.60 1.95 1.42
N GLU A 94 -3.00 1.77 2.61
CA GLU A 94 -3.77 1.76 3.86
C GLU A 94 -4.44 3.12 4.07
N TYR A 95 -3.76 4.18 3.60
CA TYR A 95 -4.35 5.53 3.62
C TYR A 95 -5.57 5.65 2.70
N SER A 96 -5.50 5.10 1.49
CA SER A 96 -6.65 5.14 0.58
C SER A 96 -7.83 4.39 1.21
N ALA A 97 -7.55 3.30 1.90
CA ALA A 97 -8.61 2.54 2.57
C ALA A 97 -9.26 3.40 3.68
N LEU A 98 -8.44 4.07 4.50
CA LEU A 98 -8.99 4.90 5.58
C LEU A 98 -9.80 6.10 5.09
N ILE A 99 -9.38 6.71 3.96
CA ILE A 99 -10.15 7.74 3.30
C ILE A 99 -11.46 7.16 2.77
N HIS A 100 -11.40 6.00 2.13
CA HIS A 100 -12.61 5.33 1.62
C HIS A 100 -13.58 5.12 2.78
N SER A 101 -13.05 4.77 3.95
CA SER A 101 -13.86 4.54 5.15
C SER A 101 -14.46 5.82 5.74
N GLY A 102 -13.98 6.99 5.33
CA GLY A 102 -14.42 8.23 5.93
C GLY A 102 -13.69 8.63 7.21
N ALA A 103 -12.71 7.82 7.64
CA ALA A 103 -11.95 8.12 8.86
C ALA A 103 -11.07 9.34 8.66
N ILE A 104 -10.60 9.50 7.42
CA ILE A 104 -9.74 10.61 7.06
C ILE A 104 -10.31 11.23 5.78
N ASN A 105 -10.30 12.55 5.77
CA ASN A 105 -10.72 13.34 4.62
C ASN A 105 -9.67 13.23 3.50
N PHE A 106 -10.12 13.25 2.25
CA PHE A 106 -9.20 13.20 1.12
C PHE A 106 -8.11 14.29 1.12
N GLU A 107 -8.51 15.56 1.22
CA GLU A 107 -7.54 16.68 1.28
C GLU A 107 -6.50 16.50 2.39
N ASP A 108 -6.94 16.05 3.56
CA ASP A 108 -6.04 15.77 4.67
C ASP A 108 -5.19 14.55 4.35
N GLY A 109 -5.81 13.57 3.69
CA GLY A 109 -5.09 12.39 3.23
C GLY A 109 -3.91 12.77 2.38
N VAL A 110 -4.14 13.49 1.28
CA VAL A 110 -3.04 13.82 0.38
C VAL A 110 -1.95 14.63 1.03
N LYS A 111 -2.32 15.67 1.78
CA LYS A 111 -1.34 16.49 2.51
C LYS A 111 -0.51 15.64 3.47
N LEU A 112 -1.17 14.74 4.19
CA LEU A 112 -0.49 13.92 5.19
C LEU A 112 0.56 12.97 4.59
N VAL A 113 0.21 12.28 3.51
CA VAL A 113 1.13 11.29 2.95
C VAL A 113 2.35 11.90 2.26
N LYS A 114 2.23 13.15 1.83
CA LYS A 114 3.37 13.88 1.30
C LYS A 114 4.39 14.06 2.42
N LYS A 115 3.89 14.47 3.60
CA LYS A 115 4.75 14.64 4.77
C LYS A 115 5.38 13.32 5.20
N ARG A 116 4.56 12.27 5.24
CA ARG A 116 4.98 10.92 5.59
C ARG A 116 6.09 10.44 4.67
N GLY A 117 5.90 10.62 3.37
CA GLY A 117 6.86 10.17 2.36
C GLY A 117 8.18 10.85 2.55
N LYS A 118 8.12 12.16 2.85
CA LYS A 118 9.29 12.96 3.20
C LYS A 118 9.99 12.37 4.41
N PHE A 119 9.22 12.09 5.47
CA PHE A 119 9.81 11.60 6.72
C PHE A 119 10.45 10.22 6.54
N MET A 120 9.76 9.33 5.82
CA MET A 120 10.29 7.99 5.60
C MET A 120 11.61 8.01 4.81
N GLN A 121 11.68 8.89 3.80
CA GLN A 121 12.87 8.98 2.96
C GLN A 121 14.06 9.58 3.70
N GLU A 122 13.79 10.57 4.55
CA GLU A 122 14.81 11.33 5.26
C GLU A 122 15.29 10.72 6.59
N ALA A 123 14.57 9.71 7.10
CA ALA A 123 14.85 9.13 8.43
C ALA A 123 16.28 8.60 8.56
N VAL A 124 16.72 7.86 7.54
CA VAL A 124 18.04 7.26 7.48
C VAL A 124 18.79 7.88 6.30
N ALA A 125 20.07 8.17 6.48
CA ALA A 125 20.92 8.74 5.43
C ALA A 125 21.11 7.73 4.29
N GLU A 126 21.29 8.26 3.08
CA GLU A 126 21.48 7.45 1.88
C GLU A 126 22.71 6.54 2.02
N GLY A 127 22.55 5.28 1.65
CA GLY A 127 23.65 4.33 1.64
C GLY A 127 23.90 3.54 2.93
N ILE A 128 23.06 3.72 3.94
CA ILE A 128 23.27 2.95 5.17
C ILE A 128 22.30 1.80 5.38
N GLY A 129 21.06 1.98 4.91
CA GLY A 129 20.03 0.97 5.08
C GLY A 129 19.41 0.66 3.73
N GLY A 130 18.72 -0.47 3.65
CA GLY A 130 18.07 -0.88 2.40
C GLY A 130 17.02 -1.94 2.64
N MET A 131 16.62 -2.61 1.56
CA MET A 131 15.60 -3.65 1.66
C MET A 131 15.98 -4.83 0.77
N VAL A 132 15.59 -6.02 1.22
CA VAL A 132 15.92 -7.25 0.51
C VAL A 132 14.69 -8.14 0.35
N ALA A 133 14.37 -8.47 -0.90
CA ALA A 133 13.34 -9.47 -1.22
C ALA A 133 13.83 -10.87 -0.83
N VAL A 134 12.99 -11.63 -0.15
CA VAL A 134 13.36 -12.98 0.32
C VAL A 134 12.36 -13.99 -0.29
N LEU A 135 12.87 -14.94 -1.05
CA LEU A 135 12.02 -15.89 -1.77
C LEU A 135 12.14 -17.30 -1.20
N ARG A 136 11.02 -18.03 -1.23
CA ARG A 136 10.98 -19.47 -0.90
C ARG A 136 11.38 -19.78 0.55
N MET A 137 11.01 -18.88 1.46
CA MET A 137 11.26 -19.07 2.88
C MET A 137 9.97 -18.77 3.62
N THR A 138 9.66 -19.60 4.63
CA THR A 138 8.56 -19.31 5.54
C THR A 138 8.98 -18.20 6.48
N PRO A 139 8.01 -17.54 7.15
CA PRO A 139 8.37 -16.54 8.16
C PRO A 139 9.31 -17.11 9.22
N GLU A 140 9.06 -18.35 9.65
CA GLU A 140 9.86 -18.99 10.70
C GLU A 140 11.32 -19.11 10.30
N GLN A 141 11.56 -19.49 9.04
CA GLN A 141 12.91 -19.56 8.50
C GLN A 141 13.56 -18.19 8.51
N VAL A 142 12.81 -17.18 8.09
CA VAL A 142 13.33 -15.82 8.08
C VAL A 142 13.66 -15.36 9.50
N ASP A 143 12.94 -15.86 10.50
CA ASP A 143 13.29 -15.56 11.89
C ASP A 143 14.67 -16.11 12.24
N GLU A 144 15.00 -17.28 11.71
CA GLU A 144 16.30 -17.87 11.95
C GLU A 144 17.40 -17.03 11.29
N ILE A 145 17.17 -16.58 10.06
CA ILE A 145 18.07 -15.65 9.36
C ILE A 145 18.28 -14.34 10.13
N ILE A 146 17.18 -13.70 10.54
CA ILE A 146 17.22 -12.48 11.35
C ILE A 146 18.10 -12.72 12.60
N GLU A 147 17.91 -13.85 13.26
CA GLU A 147 18.69 -14.26 14.42
C GLU A 147 20.18 -14.28 14.14
N LYS A 148 20.57 -14.92 13.05
CA LYS A 148 21.98 -15.06 12.70
C LYS A 148 22.59 -13.75 12.26
N SER A 149 21.78 -12.85 11.71
CA SER A 149 22.27 -11.63 11.07
C SER A 149 22.32 -10.45 12.03
N SER A 150 21.60 -10.53 13.14
CA SER A 150 21.46 -9.39 14.06
C SER A 150 22.74 -8.94 14.79
N PRO A 151 23.72 -9.85 15.00
CA PRO A 151 25.00 -9.35 15.54
C PRO A 151 25.76 -8.42 14.57
N TYR A 152 25.35 -8.37 13.31
CA TYR A 152 26.04 -7.56 12.30
C TYR A 152 25.35 -6.22 12.12
N GLY A 153 24.26 -6.05 12.85
CA GLY A 153 23.47 -4.83 12.77
C GLY A 153 22.01 -5.13 12.54
N ILE A 154 21.22 -4.07 12.39
CA ILE A 154 19.76 -4.19 12.34
C ILE A 154 19.20 -4.88 11.10
N VAL A 155 18.53 -6.01 11.34
CA VAL A 155 17.72 -6.65 10.31
C VAL A 155 16.41 -7.15 10.93
N GLU A 156 15.31 -6.81 10.27
CA GLU A 156 13.98 -7.09 10.76
C GLU A 156 13.08 -7.44 9.57
N GLY A 157 12.00 -8.18 9.82
CA GLY A 157 10.98 -8.40 8.78
C GLY A 157 10.31 -7.07 8.44
N ALA A 158 10.09 -6.82 7.14
CA ALA A 158 9.54 -5.55 6.66
C ALA A 158 8.19 -5.74 5.93
N ASN A 159 8.09 -6.81 5.14
CA ASN A 159 6.86 -7.16 4.44
C ASN A 159 6.62 -8.66 4.44
N TYR A 160 5.37 -9.06 4.60
CA TYR A 160 4.94 -10.45 4.46
C TYR A 160 3.80 -10.41 3.43
N ASN A 161 4.16 -10.65 2.19
CA ASN A 161 3.27 -10.36 1.08
C ASN A 161 2.48 -11.54 0.56
N SER A 162 3.11 -12.73 0.56
CA SER A 162 2.48 -13.97 0.10
C SER A 162 3.40 -15.15 0.46
N PRO A 163 2.94 -16.42 0.28
CA PRO A 163 3.81 -17.57 0.61
C PRO A 163 5.09 -17.55 -0.22
N GLY A 164 6.24 -17.62 0.43
CA GLY A 164 7.50 -17.46 -0.32
C GLY A 164 7.85 -16.06 -0.81
N GLN A 165 7.11 -15.04 -0.35
CA GLN A 165 7.46 -13.64 -0.68
C GLN A 165 7.47 -12.71 0.53
N ILE A 166 8.68 -12.52 1.08
CA ILE A 166 8.92 -11.72 2.26
C ILE A 166 9.88 -10.59 1.88
N VAL A 167 9.82 -9.46 2.59
CA VAL A 167 10.88 -8.45 2.49
C VAL A 167 11.48 -8.21 3.86
N ILE A 168 12.81 -8.16 3.92
CA ILE A 168 13.48 -7.75 5.15
C ILE A 168 14.20 -6.42 4.95
N SER A 169 14.35 -5.64 6.02
CA SER A 169 15.05 -4.36 5.90
C SER A 169 15.92 -4.08 7.12
N GLY A 170 16.79 -3.10 7.00
CA GLY A 170 17.74 -2.80 8.05
C GLY A 170 19.03 -2.23 7.49
N GLU A 171 20.11 -2.39 8.23
CA GLU A 171 21.40 -1.84 7.78
C GLU A 171 21.98 -2.69 6.68
N LEU A 172 22.51 -2.02 5.65
CA LEU A 172 23.06 -2.68 4.46
C LEU A 172 24.12 -3.69 4.80
N VAL A 173 24.95 -3.34 5.78
CA VAL A 173 26.03 -4.19 6.17
C VAL A 173 25.50 -5.51 6.79
N ALA A 174 24.42 -5.42 7.57
CA ALA A 174 23.78 -6.61 8.14
C ALA A 174 22.95 -7.37 7.10
N LEU A 175 22.30 -6.61 6.22
CA LEU A 175 21.51 -7.18 5.11
C LEU A 175 22.37 -8.05 4.19
N GLU A 176 23.62 -7.63 3.99
CA GLU A 176 24.57 -8.38 3.20
C GLU A 176 24.82 -9.74 3.83
N LYS A 177 24.95 -9.79 5.14
CA LYS A 177 25.15 -11.07 5.82
C LYS A 177 23.90 -11.99 5.74
N ALA A 178 22.73 -11.37 5.88
CA ALA A 178 21.45 -12.08 5.78
C ALA A 178 21.31 -12.78 4.43
N MET A 179 21.68 -12.06 3.37
CA MET A 179 21.68 -12.60 2.00
C MET A 179 22.58 -13.83 1.87
N GLU A 180 23.78 -13.77 2.44
CA GLU A 180 24.68 -14.93 2.56
C GLU A 180 23.97 -16.09 3.25
N PHE A 181 23.43 -15.84 4.44
CA PHE A 181 22.73 -16.87 5.22
C PHE A 181 21.52 -17.47 4.48
N ILE A 182 20.76 -16.63 3.77
CA ILE A 182 19.61 -17.10 3.00
C ILE A 182 20.04 -18.10 1.93
N LYS A 183 21.12 -17.79 1.21
CA LYS A 183 21.68 -18.69 0.20
C LYS A 183 22.00 -20.07 0.76
N GLU A 184 22.74 -20.08 1.86
CA GLU A 184 23.23 -21.31 2.47
C GLU A 184 22.14 -22.30 2.85
N VAL A 185 20.90 -21.82 2.92
CA VAL A 185 19.79 -22.63 3.39
C VAL A 185 18.73 -22.88 2.30
N GLY A 186 19.01 -22.46 1.07
CA GLY A 186 18.19 -22.82 -0.06
C GLY A 186 17.13 -21.81 -0.46
N GLY A 187 17.13 -20.66 0.20
CA GLY A 187 16.30 -19.55 -0.20
C GLY A 187 17.05 -18.65 -1.17
N ARG A 188 16.37 -17.61 -1.63
CA ARG A 188 16.95 -16.63 -2.53
C ARG A 188 16.70 -15.26 -1.96
N ALA A 189 17.68 -14.38 -2.15
CA ALA A 189 17.59 -13.02 -1.66
C ALA A 189 17.96 -12.06 -2.78
N ILE A 190 17.13 -11.04 -2.98
CA ILE A 190 17.41 -10.01 -3.97
C ILE A 190 17.51 -8.68 -3.27
N LYS A 191 18.63 -7.98 -3.43
CA LYS A 191 18.72 -6.62 -2.92
C LYS A 191 17.80 -5.73 -3.76
N LEU A 192 16.83 -5.12 -3.11
CA LEU A 192 15.89 -4.25 -3.79
C LEU A 192 16.58 -2.92 -4.13
N PRO A 193 16.09 -2.22 -5.18
CA PRO A 193 16.73 -0.96 -5.58
C PRO A 193 16.09 0.24 -4.85
N VAL A 194 16.07 0.15 -3.52
CA VAL A 194 15.55 1.22 -2.67
C VAL A 194 16.70 1.61 -1.75
N SER A 195 16.76 2.86 -1.35
CA SER A 195 17.84 3.30 -0.46
C SER A 195 17.38 3.62 0.98
N ALA A 196 16.17 3.22 1.33
CA ALA A 196 15.61 3.49 2.66
C ALA A 196 15.07 2.22 3.30
N PRO A 197 15.46 1.93 4.55
CA PRO A 197 15.03 0.72 5.26
C PRO A 197 13.61 0.83 5.80
N PHE A 198 12.63 0.88 4.89
CA PHE A 198 11.25 1.00 5.30
C PHE A 198 10.84 -0.17 6.21
N HIS A 199 9.94 0.11 7.14
CA HIS A 199 9.30 -0.87 8.00
C HIS A 199 10.18 -1.63 8.98
N CYS A 200 11.31 -1.01 9.35
CA CYS A 200 12.06 -1.49 10.52
C CYS A 200 12.24 -0.35 11.53
N SER A 201 12.77 -0.71 12.69
CA SER A 201 13.00 0.22 13.79
C SER A 201 13.85 1.44 13.41
N MET A 202 14.60 1.36 12.30
CA MET A 202 15.42 2.50 11.87
C MET A 202 14.59 3.69 11.43
N LEU A 203 13.31 3.46 11.15
CA LEU A 203 12.41 4.55 10.79
C LEU A 203 11.71 5.16 11.99
N GLN A 204 12.21 4.86 13.18
CA GLN A 204 11.69 5.45 14.42
C GLN A 204 11.56 6.99 14.31
N PRO A 205 12.56 7.69 13.71
CA PRO A 205 12.43 9.16 13.64
C PRO A 205 11.29 9.64 12.72
N ALA A 206 11.01 8.89 11.66
CA ALA A 206 9.83 9.16 10.82
C ALA A 206 8.50 8.88 11.53
N ALA A 207 8.46 7.86 12.38
CA ALA A 207 7.23 7.54 13.12
C ALA A 207 6.86 8.70 14.05
N GLU A 208 7.85 9.18 14.81
CA GLU A 208 7.67 10.35 15.70
C GLU A 208 7.19 11.61 14.96
N LYS A 209 7.78 11.88 13.79
CA LYS A 209 7.37 13.04 13.00
C LYS A 209 5.97 12.89 12.42
N LEU A 210 5.64 11.67 12.02
CA LEU A 210 4.33 11.36 11.47
C LEU A 210 3.26 11.46 12.57
N GLU A 211 3.58 10.94 13.75
CA GLU A 211 2.72 11.07 14.93
C GLU A 211 2.33 12.53 15.19
N ASP A 212 3.32 13.41 15.22
CA ASP A 212 3.08 14.84 15.45
C ASP A 212 2.12 15.42 14.41
N GLU A 213 2.34 15.06 13.15
CA GLU A 213 1.45 15.46 12.05
C GLU A 213 0.04 14.88 12.17
N LEU A 214 -0.05 13.58 12.40
CA LEU A 214 -1.34 12.91 12.64
C LEU A 214 -2.16 13.61 13.73
N ASN A 215 -1.51 13.98 14.84
CA ASN A 215 -2.18 14.67 15.95
C ASN A 215 -2.83 16.03 15.59
N LYS A 216 -2.41 16.62 14.47
CA LYS A 216 -2.92 17.92 14.02
C LYS A 216 -4.22 17.82 13.21
N ILE A 217 -4.48 16.68 12.60
CA ILE A 217 -5.63 16.60 11.68
C ILE A 217 -6.85 15.94 12.34
N SER A 218 -7.99 16.07 11.69
CA SER A 218 -9.23 15.47 12.19
C SER A 218 -9.43 14.04 11.72
N ILE A 219 -9.63 13.15 12.69
CA ILE A 219 -9.79 11.74 12.42
C ILE A 219 -11.16 11.29 12.89
N ASN A 220 -11.94 10.71 11.98
CA ASN A 220 -13.31 10.29 12.25
C ASN A 220 -13.42 8.78 12.46
N LYS A 221 -14.60 8.37 12.91
CA LYS A 221 -14.97 6.97 12.99
C LYS A 221 -14.90 6.31 11.59
N LEU A 222 -14.46 5.06 11.53
CA LEU A 222 -14.41 4.31 10.28
C LEU A 222 -15.79 3.80 9.91
N ASN A 223 -16.10 3.90 8.63
CA ASN A 223 -17.18 3.12 8.04
C ASN A 223 -16.59 1.84 7.48
N GLY A 224 -17.32 0.74 7.63
CA GLY A 224 -16.86 -0.54 7.14
C GLY A 224 -15.59 -1.03 7.80
N ILE A 225 -14.88 -1.90 7.11
CA ILE A 225 -13.76 -2.63 7.69
C ILE A 225 -12.51 -2.27 6.92
N VAL A 226 -11.49 -1.84 7.64
CA VAL A 226 -10.18 -1.58 7.06
C VAL A 226 -9.21 -2.49 7.79
N MET A 227 -8.38 -3.18 7.03
CA MET A 227 -7.35 -4.04 7.62
C MET A 227 -6.10 -3.23 7.96
N SER A 228 -5.56 -3.48 9.15
CA SER A 228 -4.33 -2.84 9.57
C SER A 228 -3.14 -3.70 9.18
N ASN A 229 -2.19 -3.08 8.47
CA ASN A 229 -0.91 -3.68 8.11
C ASN A 229 -0.11 -4.09 9.37
N VAL A 230 -0.17 -3.26 10.40
CA VAL A 230 0.54 -3.55 11.66
C VAL A 230 -0.05 -4.77 12.38
N LYS A 231 -1.37 -4.77 12.50
CA LYS A 231 -2.10 -5.79 13.26
C LYS A 231 -2.21 -7.14 12.54
N GLY A 232 -2.29 -7.08 11.20
CA GLY A 232 -2.63 -8.26 10.40
C GLY A 232 -4.11 -8.61 10.51
N GLU A 233 -4.94 -7.59 10.79
CA GLU A 233 -6.37 -7.78 11.02
C GLU A 233 -7.06 -6.43 11.10
N ALA A 234 -8.38 -6.45 11.27
CA ALA A 234 -9.18 -5.23 11.16
C ALA A 234 -8.88 -4.21 12.27
N TYR A 235 -8.89 -2.92 11.90
CA TYR A 235 -9.05 -1.85 12.88
C TYR A 235 -10.33 -2.09 13.66
N LEU A 236 -10.24 -2.00 14.99
CA LEU A 236 -11.40 -2.06 15.85
C LEU A 236 -11.65 -0.63 16.33
N GLU A 237 -12.87 -0.33 16.77
CA GLU A 237 -13.16 1.05 17.14
C GLU A 237 -12.45 1.51 18.42
N ASP A 238 -12.04 0.57 19.27
CA ASP A 238 -11.25 0.93 20.46
C ASP A 238 -9.73 0.98 20.19
N ASP A 239 -9.33 0.74 18.94
CA ASP A 239 -7.93 0.88 18.55
C ASP A 239 -7.57 2.35 18.43
N ASN A 240 -6.30 2.65 18.66
CA ASN A 240 -5.78 3.99 18.40
C ASN A 240 -5.26 4.12 16.96
N ILE A 241 -6.01 4.83 16.13
CA ILE A 241 -5.66 4.96 14.70
C ILE A 241 -4.27 5.58 14.48
N ILE A 242 -4.02 6.73 15.11
CA ILE A 242 -2.71 7.41 15.04
C ILE A 242 -1.54 6.47 15.34
N GLU A 243 -1.70 5.63 16.36
CA GLU A 243 -0.62 4.74 16.79
C GLU A 243 -0.40 3.62 15.79
N LEU A 244 -1.49 3.06 15.26
CA LEU A 244 -1.40 2.04 14.22
C LEU A 244 -0.76 2.58 12.94
N LEU A 245 -0.88 3.88 12.71
CA LEU A 245 -0.34 4.53 11.51
C LEU A 245 1.10 4.96 11.79
N THR A 246 1.35 5.33 13.04
CA THR A 246 2.70 5.60 13.52
C THR A 246 3.56 4.34 13.43
N SER A 247 3.12 3.26 14.09
CA SER A 247 3.77 1.93 14.01
C SER A 247 4.02 1.41 12.58
N GLN A 248 3.09 1.66 11.66
CA GLN A 248 3.13 1.09 10.30
C GLN A 248 4.45 1.32 9.56
N VAL A 249 5.01 2.53 9.66
CA VAL A 249 6.24 2.85 8.93
C VAL A 249 7.47 2.15 9.52
N LYS A 250 7.38 1.72 10.76
CA LYS A 250 8.55 1.15 11.44
C LYS A 250 8.42 -0.33 11.84
N LYS A 251 7.27 -0.93 11.51
CA LYS A 251 6.92 -2.33 11.81
C LYS A 251 6.59 -3.12 10.53
N PRO A 252 6.58 -4.47 10.61
CA PRO A 252 6.26 -5.31 9.48
C PRO A 252 4.88 -5.03 8.87
N VAL A 253 4.80 -5.04 7.55
CA VAL A 253 3.52 -5.01 6.83
C VAL A 253 2.99 -6.44 6.69
N LEU A 254 2.02 -6.78 7.52
CA LEU A 254 1.42 -8.10 7.49
C LEU A 254 0.34 -8.19 6.40
N PHE A 255 0.73 -7.91 5.15
CA PHE A 255 -0.23 -7.97 4.03
C PHE A 255 -0.90 -9.32 3.85
N ILE A 256 -0.13 -10.40 3.96
CA ILE A 256 -0.70 -11.74 3.81
C ILE A 256 -1.81 -11.99 4.84
N ASN A 257 -1.57 -11.60 6.09
CA ASN A 257 -2.56 -11.78 7.16
C ASN A 257 -3.83 -10.97 6.87
N ASP A 258 -3.63 -9.74 6.37
CA ASP A 258 -4.73 -8.85 5.99
C ASP A 258 -5.64 -9.54 4.98
N ILE A 259 -5.04 -10.08 3.92
CA ILE A 259 -5.80 -10.77 2.87
C ILE A 259 -6.56 -11.97 3.46
N GLU A 260 -5.86 -12.76 4.25
CA GLU A 260 -6.40 -13.95 4.91
C GLU A 260 -7.65 -13.58 5.72
N LYS A 261 -7.57 -12.51 6.50
CA LYS A 261 -8.69 -12.02 7.29
C LYS A 261 -9.84 -11.52 6.43
N MET A 262 -9.50 -10.86 5.32
CA MET A 262 -10.52 -10.41 4.38
C MET A 262 -11.32 -11.60 3.88
N ILE A 263 -10.61 -12.67 3.49
CA ILE A 263 -11.23 -13.91 3.02
C ILE A 263 -12.06 -14.57 4.13
N GLU A 264 -11.49 -14.63 5.34
CA GLU A 264 -12.22 -15.08 6.54
C GLU A 264 -13.54 -14.36 6.67
N SER A 265 -13.49 -13.04 6.45
CA SER A 265 -14.63 -12.15 6.58
C SER A 265 -15.60 -12.27 5.41
N GLY A 266 -15.29 -13.16 4.46
CA GLY A 266 -16.23 -13.47 3.39
C GLY A 266 -16.03 -12.81 2.04
N VAL A 267 -14.93 -12.06 1.85
CA VAL A 267 -14.66 -11.53 0.51
C VAL A 267 -14.27 -12.68 -0.42
N ASP A 268 -14.92 -12.72 -1.58
CA ASP A 268 -14.60 -13.72 -2.59
C ASP A 268 -14.17 -13.03 -3.89
N THR A 269 -14.22 -11.69 -3.89
CA THR A 269 -13.87 -10.91 -5.07
C THR A 269 -13.02 -9.70 -4.66
N PHE A 270 -11.77 -9.69 -5.11
CA PHE A 270 -10.84 -8.60 -4.83
C PHE A 270 -10.69 -7.70 -6.03
N ILE A 271 -10.83 -6.41 -5.78
CA ILE A 271 -10.62 -5.40 -6.81
C ILE A 271 -9.46 -4.54 -6.37
N GLU A 272 -8.33 -4.66 -7.08
CA GLU A 272 -7.19 -3.77 -6.89
C GLU A 272 -7.48 -2.44 -7.57
N ILE A 273 -7.36 -1.35 -6.82
CA ILE A 273 -7.70 -0.03 -7.32
C ILE A 273 -6.48 0.87 -7.28
N GLY A 274 -6.12 1.42 -8.44
CA GLY A 274 -4.96 2.29 -8.55
C GLY A 274 -3.97 1.72 -9.55
N PRO A 275 -2.75 2.27 -9.58
CA PRO A 275 -1.82 1.81 -10.62
C PRO A 275 -1.28 0.42 -10.32
N GLY A 276 -1.15 -0.38 -11.37
CA GLY A 276 -0.41 -1.64 -11.28
C GLY A 276 -1.23 -2.84 -10.82
N LYS A 277 -0.55 -3.98 -10.77
CA LYS A 277 -1.21 -5.26 -10.51
C LYS A 277 -0.45 -6.03 -9.44
N ALA A 278 0.41 -5.36 -8.70
CA ALA A 278 1.20 -6.03 -7.67
C ALA A 278 0.31 -6.78 -6.65
N LEU A 279 -0.74 -6.14 -6.17
CA LEU A 279 -1.53 -6.74 -5.08
C LEU A 279 -2.37 -7.88 -5.56
N SER A 280 -2.89 -7.74 -6.79
CA SER A 280 -3.56 -8.84 -7.48
C SER A 280 -2.65 -10.05 -7.51
N GLY A 281 -1.40 -9.81 -7.89
CA GLY A 281 -0.39 -10.88 -7.94
C GLY A 281 -0.21 -11.61 -6.62
N PHE A 282 -0.17 -10.85 -5.54
CA PHE A 282 -0.03 -11.42 -4.19
C PHE A 282 -1.27 -12.21 -3.77
N VAL A 283 -2.46 -11.66 -4.01
CA VAL A 283 -3.70 -12.37 -3.67
C VAL A 283 -3.82 -13.74 -4.36
N LYS A 284 -3.57 -13.76 -5.68
CA LYS A 284 -3.67 -15.00 -6.45
C LYS A 284 -2.78 -16.12 -5.93
N LYS A 285 -1.64 -15.74 -5.34
CA LYS A 285 -0.71 -16.68 -4.70
C LYS A 285 -1.13 -17.07 -3.29
N ILE A 286 -1.86 -16.20 -2.61
CA ILE A 286 -2.41 -16.52 -1.29
C ILE A 286 -3.56 -17.53 -1.45
N ASN A 287 -4.47 -17.24 -2.38
CA ASN A 287 -5.65 -18.06 -2.57
C ASN A 287 -6.00 -18.07 -4.06
N LYS A 288 -5.95 -19.26 -4.65
CA LYS A 288 -6.11 -19.42 -6.09
C LYS A 288 -7.58 -19.44 -6.54
N ASN A 289 -8.50 -19.44 -5.58
CA ASN A 289 -9.92 -19.65 -5.87
C ASN A 289 -10.76 -18.39 -5.98
N VAL A 290 -10.42 -17.40 -5.18
CA VAL A 290 -11.13 -16.12 -5.19
C VAL A 290 -10.97 -15.41 -6.53
N THR A 291 -11.95 -14.60 -6.89
CA THR A 291 -11.87 -13.77 -8.07
C THR A 291 -11.02 -12.54 -7.78
N VAL A 292 -10.11 -12.25 -8.70
CA VAL A 292 -9.19 -11.15 -8.52
C VAL A 292 -9.30 -10.28 -9.77
N LEU A 293 -9.57 -8.99 -9.54
CA LEU A 293 -9.70 -8.01 -10.62
C LEU A 293 -8.92 -6.75 -10.28
N ASN A 294 -8.75 -5.87 -11.26
CA ASN A 294 -8.05 -4.61 -11.03
C ASN A 294 -8.58 -3.51 -11.94
N VAL A 295 -8.51 -2.27 -11.45
CA VAL A 295 -8.80 -1.08 -12.28
C VAL A 295 -7.68 -0.05 -12.15
N GLU A 296 -7.04 0.26 -13.28
CA GLU A 296 -6.05 1.33 -13.38
C GLU A 296 -6.27 2.19 -14.64
N ASP A 297 -7.04 1.67 -15.59
CA ASP A 297 -7.28 2.37 -16.85
C ASP A 297 -8.59 1.92 -17.46
N LEU A 298 -8.85 2.36 -18.69
CA LEU A 298 -10.07 1.97 -19.40
C LEU A 298 -10.20 0.47 -19.66
N LYS A 299 -9.12 -0.16 -20.14
CA LYS A 299 -9.17 -1.58 -20.45
C LYS A 299 -9.46 -2.45 -19.21
N SER A 300 -8.74 -2.18 -18.11
CA SER A 300 -8.95 -2.94 -16.88
C SER A 300 -10.32 -2.63 -16.27
N LEU A 301 -10.76 -1.37 -16.38
CA LEU A 301 -12.11 -0.98 -15.92
C LEU A 301 -13.18 -1.83 -16.57
N GLU A 302 -13.10 -1.92 -17.90
CA GLU A 302 -14.09 -2.60 -18.71
C GLU A 302 -14.07 -4.10 -18.47
N LYS A 303 -12.87 -4.67 -18.35
CA LYS A 303 -12.70 -6.05 -17.94
C LYS A 303 -13.37 -6.27 -16.58
N THR A 304 -13.09 -5.39 -15.62
CA THR A 304 -13.65 -5.49 -14.28
C THR A 304 -15.18 -5.37 -14.27
N LEU A 305 -15.70 -4.33 -14.91
CA LEU A 305 -17.15 -4.13 -14.99
C LEU A 305 -17.83 -5.31 -15.70
N SER A 306 -17.17 -5.83 -16.74
CA SER A 306 -17.70 -6.99 -17.46
C SER A 306 -17.83 -8.22 -16.56
N LYS A 307 -16.80 -8.48 -15.76
CA LYS A 307 -16.85 -9.56 -14.76
C LYS A 307 -17.95 -9.33 -13.71
N LEU A 308 -18.04 -8.10 -13.21
CA LEU A 308 -19.06 -7.79 -12.19
C LEU A 308 -20.49 -7.96 -12.71
N ARG A 309 -20.71 -7.65 -13.99
CA ARG A 309 -22.03 -7.80 -14.61
C ARG A 309 -22.46 -9.25 -14.85
N GLU A 310 -21.48 -10.14 -15.05
CA GLU A 310 -21.76 -11.58 -15.07
C GLU A 310 -22.38 -11.99 -13.72
N MET A 311 -21.64 -11.70 -12.65
CA MET A 311 -21.98 -12.07 -11.27
C MET A 311 -23.29 -11.48 -10.77
N GLU A 312 -23.62 -10.27 -11.23
CA GLU A 312 -24.88 -9.63 -10.84
C GLU A 312 -26.08 -10.19 -11.62
N VAL A 313 -25.84 -10.62 -12.86
CA VAL A 313 -26.85 -11.33 -13.66
C VAL A 313 -27.14 -12.69 -13.05
N LEU A 314 -26.08 -13.39 -12.62
CA LEU A 314 -26.19 -14.66 -11.90
C LEU A 314 -26.97 -14.50 -10.59
N ALA A 315 -26.91 -13.31 -10.00
CA ALA A 315 -27.74 -12.97 -8.83
C ALA A 315 -29.23 -12.91 -9.20
N GLU A 316 -29.55 -12.31 -10.35
CA GLU A 316 -30.94 -12.25 -10.84
C GLU A 316 -31.40 -13.66 -11.20
N ASN A 317 -31.82 -14.40 -10.16
CA ASN A 317 -32.07 -15.82 -10.26
C ASN A 317 -33.04 -16.29 -9.17
#